data_3MHA
#
_entry.id   3MHA
#
_cell.length_a   95.158
_cell.length_b   71.254
_cell.length_c   61.330
_cell.angle_alpha   90.00
_cell.angle_beta   106.16
_cell.angle_gamma   90.00
#
_symmetry.space_group_name_H-M   'C 1 2 1'
#
loop_
_entity.id
_entity.type
_entity.pdbx_description
1 polymer 'Lipoprotein lprG'
2 non-polymer '(1S,2R,3R,4S,5R,6S)-2-(alpha-L-allopyranosyloxy)-3,4,5-trihydroxy-6-({6-O-[(1R)-1-hydroxyhexadecyl]-beta-L-gulopyranosyl}oxy)cyclohexyl (2R)-2-{[(1S)-1-hydroxyhexadecyl]oxy}-3-{[(1S,10S)-1-hydroxy-10-methyloctadecyl]oxy}propyl hydrogen (R)-phosphate'
3 water water
#
_entity_poly.entity_id   1
_entity_poly.type   'polypeptide(L)'
_entity_poly.pdbx_seq_one_letter_code
;MHHHHHHGPLPDAKPLVEEATAQTKALKSAHMVLTVNGKIPGLSLKTLSGDLTTNPTAATGNVKLTLGGSDIDADFVVFD
GILYATLTPNQWSDFGPAADIYDPAQVLNPDTGLANVLANFADAKAEGRDTINGQNTIRISGKVSAQAVNQIAPPFNATQ
PVPATVWIQETGDHQLAQAQLDRGSGNSVQMTLSKWGEKVQVT
;
_entity_poly.pdbx_strand_id   A,B
#
loop_
_chem_comp.id
_chem_comp.type
_chem_comp.name
_chem_comp.formula
Z69 non-polymer '(1S,2R,3R,4S,5R,6S)-2-(alpha-L-allopyranosyloxy)-3,4,5-trihydroxy-6-({6-O-[(1R)-1-hydroxyhexadecyl]-beta-L-gulopyranosyl}oxy)cyclohexyl (2R)-2-{[(1S)-1-hydroxyhexadecyl]oxy}-3-{[(1S,10S)-1-hydroxy-10-methyloctadecyl]oxy}propyl hydrogen (R)-phosphate' 'C72 H141 O24 P'
#
# COMPACT_ATOMS: atom_id res chain seq x y z
N GLY A 8 4.38 19.29 16.49
CA GLY A 8 4.20 20.59 17.13
C GLY A 8 3.30 21.52 16.34
N PRO A 9 3.74 22.76 16.12
CA PRO A 9 2.99 23.64 15.21
C PRO A 9 3.16 23.14 13.79
N LEU A 10 2.30 23.61 12.90
CA LEU A 10 2.33 23.19 11.52
C LEU A 10 3.02 24.28 10.71
N PRO A 11 3.82 23.89 9.71
CA PRO A 11 4.38 24.94 8.87
C PRO A 11 3.26 25.62 8.08
N ASP A 12 3.58 26.77 7.51
CA ASP A 12 2.67 27.50 6.64
C ASP A 12 2.55 26.71 5.35
N ALA A 13 1.31 26.48 4.91
CA ALA A 13 1.06 25.65 3.74
C ALA A 13 1.48 26.32 2.44
N LYS A 14 1.42 27.64 2.39
CA LYS A 14 1.62 28.33 1.13
C LYS A 14 3.03 28.12 0.57
N PRO A 15 4.05 28.26 1.41
CA PRO A 15 5.43 28.04 0.95
C PRO A 15 5.74 26.57 0.70
N LEU A 16 5.13 25.67 1.47
CA LEU A 16 5.25 24.24 1.15
C LEU A 16 4.67 23.93 -0.21
N VAL A 17 3.50 24.49 -0.51
CA VAL A 17 2.90 24.26 -1.81
C VAL A 17 3.78 24.81 -2.94
N GLU A 18 4.35 25.98 -2.72
CA GLU A 18 5.24 26.56 -3.74
C GLU A 18 6.50 25.73 -3.96
N GLU A 19 7.08 25.23 -2.87
CA GLU A 19 8.25 24.37 -2.99
C GLU A 19 7.92 23.05 -3.67
N ALA A 20 6.80 22.44 -3.31
CA ALA A 20 6.38 21.20 -3.99
C ALA A 20 6.11 21.44 -5.47
N THR A 21 5.58 22.61 -5.80
CA THR A 21 5.33 22.93 -7.20
C THR A 21 6.64 22.89 -7.99
N ALA A 22 7.66 23.58 -7.48
CA ALA A 22 8.99 23.59 -8.12
C ALA A 22 9.61 22.20 -8.21
N GLN A 23 9.53 21.44 -7.12
CA GLN A 23 10.08 20.10 -7.09
C GLN A 23 9.37 19.23 -8.12
N THR A 24 8.05 19.39 -8.20
CA THR A 24 7.29 18.56 -9.13
C THR A 24 7.64 18.90 -10.57
N LYS A 25 7.84 20.18 -10.87
CA LYS A 25 8.18 20.55 -12.24
C LYS A 25 9.46 19.88 -12.73
N ALA A 26 10.35 19.54 -11.81
CA ALA A 26 11.65 18.99 -12.20
C ALA A 26 11.66 17.47 -12.27
N LEU A 27 10.54 16.83 -11.94
CA LEU A 27 10.47 15.36 -11.95
C LEU A 27 10.62 14.78 -13.33
N LYS A 28 11.41 13.71 -13.42
CA LYS A 28 11.46 12.93 -14.64
C LYS A 28 10.66 11.65 -14.47
N SER A 29 10.66 11.09 -13.26
CA SER A 29 10.01 9.80 -13.06
C SER A 29 9.55 9.55 -11.63
N ALA A 30 8.61 8.64 -11.48
CA ALA A 30 8.05 8.31 -10.18
C ALA A 30 7.25 7.02 -10.24
N HIS A 31 7.08 6.39 -9.09
CA HIS A 31 6.10 5.32 -8.92
C HIS A 31 4.76 5.97 -8.50
N MET A 32 3.66 5.46 -9.02
CA MET A 32 2.35 6.02 -8.72
C MET A 32 1.35 4.95 -8.37
N VAL A 33 0.54 5.24 -7.37
CA VAL A 33 -0.59 4.38 -7.06
C VAL A 33 -1.85 5.23 -7.15
N LEU A 34 -2.77 4.83 -8.03
CA LEU A 34 -3.97 5.61 -8.29
C LEU A 34 -5.19 4.80 -7.84
N THR A 35 -6.06 5.42 -7.04
CA THR A 35 -7.26 4.76 -6.56
C THR A 35 -8.48 5.62 -6.85
N VAL A 36 -9.50 5.05 -7.50
CA VAL A 36 -10.77 5.77 -7.64
C VAL A 36 -11.73 5.21 -6.60
N ASN A 37 -12.21 6.11 -5.74
CA ASN A 37 -13.16 5.79 -4.70
C ASN A 37 -14.57 6.16 -5.16
N GLY A 38 -15.51 5.24 -4.98
CA GLY A 38 -16.87 5.46 -5.43
C GLY A 38 -16.95 5.41 -6.95
N LYS A 39 -17.70 6.34 -7.54
CA LYS A 39 -17.91 6.30 -8.98
C LYS A 39 -17.74 7.68 -9.64
N ILE A 40 -16.90 7.72 -10.66
CA ILE A 40 -16.76 8.90 -11.50
C ILE A 40 -17.12 8.53 -12.92
N PRO A 41 -18.23 9.09 -13.44
CA PRO A 41 -18.72 8.76 -14.79
C PRO A 41 -17.64 8.89 -15.87
N GLY A 42 -17.50 7.88 -16.73
CA GLY A 42 -16.56 7.97 -17.83
C GLY A 42 -15.13 7.69 -17.40
N LEU A 43 -15.00 7.18 -16.19
CA LEU A 43 -13.71 6.74 -15.69
C LEU A 43 -13.91 5.33 -15.16
N SER A 44 -13.56 4.34 -15.96
CA SER A 44 -13.87 2.96 -15.61
C SER A 44 -12.79 2.31 -14.76
N LEU A 45 -11.79 3.11 -14.36
CA LEU A 45 -10.66 2.59 -13.62
C LEU A 45 -10.96 2.48 -12.12
N LYS A 46 -10.43 1.45 -11.47
CA LYS A 46 -10.62 1.26 -10.03
C LYS A 46 -9.33 1.54 -9.29
N THR A 47 -8.25 0.91 -9.74
CA THR A 47 -6.95 1.04 -9.12
C THR A 47 -5.90 0.83 -10.19
N LEU A 48 -4.74 1.44 -9.98
CA LEU A 48 -3.60 1.29 -10.87
C LEU A 48 -2.35 1.53 -10.05
N SER A 49 -1.30 0.75 -10.31
CA SER A 49 -0.01 1.00 -9.69
C SER A 49 1.04 0.78 -10.75
N GLY A 50 2.02 1.67 -10.81
CA GLY A 50 2.92 1.57 -11.94
C GLY A 50 4.08 2.51 -11.79
N ASP A 51 4.95 2.49 -12.81
CA ASP A 51 6.15 3.27 -12.80
C ASP A 51 6.16 4.10 -14.05
N LEU A 52 6.42 5.39 -13.91
CA LEU A 52 6.37 6.30 -15.07
C LEU A 52 7.70 7.00 -15.24
N THR A 53 8.19 7.06 -16.48
CA THR A 53 9.29 7.95 -16.77
C THR A 53 8.93 8.82 -17.97
N THR A 54 9.65 9.92 -18.13
CA THR A 54 9.32 10.89 -19.17
C THR A 54 10.59 11.34 -19.90
N ASN A 55 10.42 11.88 -21.09
CA ASN A 55 11.54 12.34 -21.88
C ASN A 55 12.65 11.29 -21.97
N PRO A 56 12.36 10.12 -22.56
CA PRO A 56 11.10 9.80 -23.23
C PRO A 56 10.10 9.11 -22.31
N THR A 57 8.84 9.16 -22.74
CA THR A 57 7.74 8.57 -22.00
C THR A 57 7.76 7.06 -22.06
N ALA A 58 7.73 6.44 -20.89
CA ALA A 58 7.52 4.99 -20.80
C ALA A 58 6.79 4.70 -19.49
N ALA A 59 5.97 3.66 -19.46
CA ALA A 59 5.27 3.31 -18.23
C ALA A 59 5.01 1.82 -18.21
N THR A 60 4.98 1.26 -17.01
CA THR A 60 4.71 -0.15 -16.83
C THR A 60 3.96 -0.29 -15.52
N GLY A 61 3.09 -1.28 -15.43
CA GLY A 61 2.38 -1.48 -14.17
C GLY A 61 1.16 -2.35 -14.32
N ASN A 62 0.24 -2.23 -13.36
CA ASN A 62 -0.96 -3.02 -13.41
C ASN A 62 -2.18 -2.17 -13.12
N VAL A 63 -3.30 -2.61 -13.68
CA VAL A 63 -4.53 -1.82 -13.58
C VAL A 63 -5.73 -2.72 -13.33
N LYS A 64 -6.65 -2.26 -12.50
CA LYS A 64 -7.91 -2.96 -12.33
C LYS A 64 -8.98 -2.05 -12.86
N LEU A 65 -9.67 -2.48 -13.90
CA LEU A 65 -10.67 -1.61 -14.48
C LEU A 65 -11.93 -2.37 -14.83
N THR A 66 -13.01 -1.65 -15.11
CA THR A 66 -14.28 -2.27 -15.43
C THR A 66 -14.53 -2.17 -16.91
N LEU A 67 -14.73 -3.31 -17.55
CA LEU A 67 -15.08 -3.35 -18.95
C LEU A 67 -16.39 -4.12 -19.18
N GLY A 68 -17.39 -3.41 -19.67
CA GLY A 68 -18.70 -4.00 -19.86
C GLY A 68 -19.21 -4.67 -18.60
N GLY A 69 -18.93 -4.07 -17.45
CA GLY A 69 -19.44 -4.55 -16.19
C GLY A 69 -18.72 -5.76 -15.60
N SER A 70 -17.46 -5.93 -15.96
CA SER A 70 -16.60 -6.94 -15.33
C SER A 70 -15.30 -6.26 -14.93
N ASP A 71 -14.85 -6.47 -13.71
CA ASP A 71 -13.54 -5.97 -13.32
C ASP A 71 -12.44 -6.86 -13.90
N ILE A 72 -11.59 -6.29 -14.75
CA ILE A 72 -10.44 -7.01 -15.28
C ILE A 72 -9.16 -6.54 -14.61
N ASP A 73 -8.35 -7.48 -14.14
CA ASP A 73 -6.97 -7.17 -13.75
C ASP A 73 -6.10 -7.30 -14.99
N ALA A 74 -5.31 -6.28 -15.28
CA ALA A 74 -4.41 -6.33 -16.44
C ALA A 74 -3.05 -5.71 -16.12
N ASP A 75 -1.99 -6.20 -16.77
CA ASP A 75 -0.70 -5.51 -16.76
C ASP A 75 -0.71 -4.59 -17.98
N PHE A 76 0.04 -3.50 -17.92
CA PHE A 76 0.11 -2.59 -19.03
C PHE A 76 1.52 -2.06 -19.19
N VAL A 77 1.83 -1.67 -20.42
CA VAL A 77 3.08 -1.02 -20.76
C VAL A 77 2.75 0.08 -21.76
N VAL A 78 3.35 1.26 -21.58
CA VAL A 78 3.35 2.29 -22.62
C VAL A 78 4.79 2.43 -23.07
N PHE A 79 5.03 2.21 -24.35
CA PHE A 79 6.37 2.37 -24.90
C PHE A 79 6.28 2.88 -26.32
N ASP A 80 7.11 3.87 -26.64
CA ASP A 80 7.20 4.40 -27.98
C ASP A 80 5.81 4.86 -28.42
N GLY A 81 5.05 5.45 -27.51
CA GLY A 81 3.75 6.02 -27.86
C GLY A 81 2.59 5.05 -27.85
N ILE A 82 2.88 3.75 -27.69
CA ILE A 82 1.86 2.72 -27.83
C ILE A 82 1.48 2.10 -26.49
N LEU A 83 0.19 1.86 -26.31
CA LEU A 83 -0.32 1.23 -25.10
C LEU A 83 -0.55 -0.26 -25.33
N TYR A 84 0.02 -1.07 -24.45
CA TYR A 84 -0.16 -2.53 -24.54
C TYR A 84 -0.74 -2.99 -23.22
N ALA A 85 -1.54 -4.06 -23.21
CA ALA A 85 -2.06 -4.56 -21.94
C ALA A 85 -2.46 -6.01 -22.04
N THR A 86 -2.38 -6.73 -20.92
CA THR A 86 -2.76 -8.14 -20.92
C THR A 86 -4.19 -8.30 -20.44
N LEU A 87 -5.15 -8.24 -21.36
CA LEU A 87 -6.55 -8.40 -20.95
C LEU A 87 -6.87 -9.89 -20.69
N THR A 88 -6.07 -10.76 -21.28
CA THR A 88 -5.97 -12.15 -20.81
C THR A 88 -4.51 -12.41 -20.41
N PRO A 89 -4.29 -13.28 -19.42
CA PRO A 89 -2.97 -13.44 -18.81
C PRO A 89 -1.88 -13.83 -19.79
N ASN A 90 -0.73 -13.19 -19.66
CA ASN A 90 0.43 -13.43 -20.52
C ASN A 90 0.15 -13.18 -21.99
N GLN A 91 -0.94 -12.49 -22.29
CA GLN A 91 -1.33 -12.21 -23.66
C GLN A 91 -1.34 -10.71 -23.91
N TRP A 92 -0.29 -10.18 -24.53
CA TRP A 92 -0.22 -8.73 -24.77
C TRP A 92 -1.01 -8.32 -26.00
N SER A 93 -1.94 -7.39 -25.79
CA SER A 93 -2.70 -6.82 -26.88
C SER A 93 -2.24 -5.38 -27.10
N ASP A 94 -2.25 -4.96 -28.36
CA ASP A 94 -1.83 -3.63 -28.79
C ASP A 94 -3.07 -2.77 -28.97
N PHE A 95 -3.17 -1.69 -28.18
CA PHE A 95 -4.35 -0.83 -28.20
C PHE A 95 -4.12 0.50 -28.91
N GLY A 96 -2.99 0.60 -29.61
CA GLY A 96 -2.71 1.77 -30.41
C GLY A 96 -2.13 2.91 -29.60
N PRO A 97 -2.03 4.10 -30.22
CA PRO A 97 -1.46 5.26 -29.56
C PRO A 97 -2.03 5.45 -28.16
N ALA A 98 -1.14 5.55 -27.18
CA ALA A 98 -1.56 5.78 -25.79
C ALA A 98 -2.34 7.08 -25.67
N ALA A 99 -1.96 8.08 -26.44
CA ALA A 99 -2.55 9.40 -26.31
C ALA A 99 -4.03 9.42 -26.71
N ASP A 100 -4.49 8.39 -27.39
CA ASP A 100 -5.90 8.34 -27.79
C ASP A 100 -6.76 7.91 -26.60
N ILE A 101 -6.11 7.40 -25.57
CA ILE A 101 -6.81 6.99 -24.35
C ILE A 101 -6.43 7.95 -23.22
N TYR A 102 -5.17 7.91 -22.81
CA TYR A 102 -4.63 8.91 -21.89
C TYR A 102 -3.12 8.78 -21.92
N ASP A 103 -2.43 9.80 -22.42
CA ASP A 103 -0.97 9.80 -22.40
C ASP A 103 -0.49 9.96 -20.98
N PRO A 104 0.15 8.91 -20.42
CA PRO A 104 0.56 8.93 -19.02
C PRO A 104 1.56 10.03 -18.71
N ALA A 105 2.31 10.50 -19.70
CA ALA A 105 3.25 11.62 -19.48
C ALA A 105 2.52 12.85 -18.95
N GLN A 106 1.21 12.90 -19.19
CA GLN A 106 0.43 14.06 -18.77
C GLN A 106 0.57 14.32 -17.26
N VAL A 107 0.65 13.25 -16.49
CA VAL A 107 0.70 13.37 -15.03
C VAL A 107 1.89 14.19 -14.54
N LEU A 108 3.00 14.10 -15.26
CA LEU A 108 4.21 14.83 -14.89
C LEU A 108 4.56 15.96 -15.87
N ASN A 109 3.63 16.31 -16.75
CA ASN A 109 3.82 17.49 -17.60
C ASN A 109 3.85 18.72 -16.69
N PRO A 110 4.92 19.52 -16.79
CA PRO A 110 5.13 20.67 -15.89
C PRO A 110 4.09 21.79 -16.05
N ASP A 111 3.34 21.73 -17.13
CA ASP A 111 2.37 22.78 -17.48
C ASP A 111 0.93 22.37 -17.20
N THR A 112 0.66 21.08 -17.33
CA THR A 112 -0.71 20.57 -17.27
C THR A 112 -0.84 19.38 -16.32
N GLY A 113 0.27 18.92 -15.76
CA GLY A 113 0.24 17.77 -14.84
C GLY A 113 0.11 18.16 -13.38
N LEU A 114 0.66 17.31 -12.51
CA LEU A 114 0.61 17.57 -11.07
C LEU A 114 1.12 18.97 -10.66
N ALA A 115 2.15 19.47 -11.34
CA ALA A 115 2.68 20.80 -11.02
C ALA A 115 1.65 21.88 -11.28
N ASN A 116 0.86 21.71 -12.32
CA ASN A 116 -0.19 22.66 -12.63
C ASN A 116 -1.34 22.57 -11.62
N VAL A 117 -1.61 21.36 -11.15
CA VAL A 117 -2.57 21.22 -10.06
C VAL A 117 -2.10 22.00 -8.84
N LEU A 118 -0.84 21.82 -8.47
CA LEU A 118 -0.28 22.52 -7.33
C LEU A 118 -0.31 24.03 -7.49
N ALA A 119 -0.06 24.49 -8.71
CA ALA A 119 0.01 25.92 -8.99
C ALA A 119 -1.38 26.54 -8.99
N ASN A 120 -2.41 25.70 -9.07
CA ASN A 120 -3.79 26.18 -9.08
C ASN A 120 -4.58 25.63 -7.91
N PHE A 121 -3.86 25.44 -6.82
CA PHE A 121 -4.37 24.94 -5.56
C PHE A 121 -4.60 26.12 -4.65
N ALA A 122 -5.85 26.58 -4.58
CA ALA A 122 -6.21 27.78 -3.82
C ALA A 122 -6.55 27.50 -2.36
N ASP A 123 -6.41 28.53 -1.52
CA ASP A 123 -6.84 28.45 -0.12
C ASP A 123 -6.09 27.40 0.69
N ALA A 124 -4.85 27.12 0.31
CA ALA A 124 -4.09 26.08 0.99
C ALA A 124 -3.99 26.32 2.49
N LYS A 125 -4.33 25.29 3.27
CA LYS A 125 -4.24 25.37 4.72
C LYS A 125 -3.73 24.07 5.29
N ALA A 126 -2.69 24.15 6.10
CA ALA A 126 -2.15 22.99 6.78
C ALA A 126 -3.13 22.45 7.81
N GLU A 127 -3.44 21.16 7.70
CA GLU A 127 -4.50 20.56 8.48
C GLU A 127 -4.03 19.55 9.52
N GLY A 128 -2.92 18.87 9.23
CA GLY A 128 -2.36 17.91 10.16
C GLY A 128 -1.10 17.27 9.60
N ARG A 129 -0.61 16.22 10.27
CA ARG A 129 0.56 15.46 9.82
C ARG A 129 0.19 13.98 9.68
N ASP A 130 0.67 13.35 8.61
CA ASP A 130 0.37 11.96 8.30
C ASP A 130 1.63 11.27 7.78
N THR A 131 1.80 9.98 8.09
CA THR A 131 2.85 9.18 7.45
C THR A 131 2.36 8.74 6.07
N ILE A 132 3.14 9.03 5.04
CA ILE A 132 2.94 8.44 3.72
C ILE A 132 4.21 7.72 3.32
N ASN A 133 4.11 6.41 3.07
CA ASN A 133 5.27 5.61 2.69
C ASN A 133 6.47 5.85 3.59
N GLY A 134 6.22 5.82 4.91
CA GLY A 134 7.30 5.91 5.90
C GLY A 134 7.84 7.29 6.14
N GLN A 135 7.21 8.30 5.54
CA GLN A 135 7.68 9.66 5.66
C GLN A 135 6.66 10.59 6.27
N ASN A 136 7.16 11.52 7.07
CA ASN A 136 6.34 12.58 7.64
C ASN A 136 5.94 13.56 6.56
N THR A 137 4.63 13.79 6.44
CA THR A 137 4.09 14.73 5.47
C THR A 137 3.09 15.65 6.15
N ILE A 138 2.91 16.82 5.56
CA ILE A 138 1.94 17.78 6.04
C ILE A 138 0.72 17.62 5.16
N ARG A 139 -0.42 17.34 5.78
CA ARG A 139 -1.71 17.24 5.06
C ARG A 139 -2.32 18.63 4.92
N ILE A 140 -2.70 19.00 3.70
CA ILE A 140 -3.07 20.37 3.38
C ILE A 140 -4.36 20.39 2.58
N SER A 141 -5.35 21.15 3.05
CA SER A 141 -6.59 21.30 2.31
C SER A 141 -6.54 22.49 1.34
N GLY A 142 -7.37 22.43 0.30
CA GLY A 142 -7.53 23.54 -0.63
C GLY A 142 -8.50 23.22 -1.74
N LYS A 143 -8.54 24.07 -2.75
CA LYS A 143 -9.43 23.87 -3.87
C LYS A 143 -8.65 24.03 -5.16
N VAL A 144 -8.78 23.04 -6.04
CA VAL A 144 -8.12 23.10 -7.33
C VAL A 144 -9.02 23.67 -8.42
N SER A 145 -8.48 24.60 -9.20
CA SER A 145 -9.25 25.16 -10.32
C SER A 145 -9.87 24.08 -11.24
N ALA A 146 -11.06 24.37 -11.76
CA ALA A 146 -11.71 23.46 -12.68
C ALA A 146 -10.81 23.15 -13.88
N GLN A 147 -10.17 24.19 -14.42
CA GLN A 147 -9.30 24.00 -15.58
C GLN A 147 -8.13 23.05 -15.29
N ALA A 148 -7.44 23.26 -14.18
CA ALA A 148 -6.34 22.36 -13.84
C ALA A 148 -6.84 20.93 -13.63
N VAL A 149 -7.99 20.77 -12.98
CA VAL A 149 -8.54 19.42 -12.77
C VAL A 149 -8.91 18.73 -14.10
N ASN A 150 -9.57 19.46 -14.98
CA ASN A 150 -9.99 18.92 -16.27
C ASN A 150 -8.81 18.56 -17.16
N GLN A 151 -7.70 19.26 -16.99
CA GLN A 151 -6.53 18.99 -17.82
C GLN A 151 -5.82 17.72 -17.42
N ILE A 152 -5.77 17.40 -16.13
CA ILE A 152 -5.10 16.19 -15.66
C ILE A 152 -6.06 14.99 -15.61
N ALA A 153 -7.33 15.28 -15.41
CA ALA A 153 -8.35 14.24 -15.28
C ALA A 153 -9.65 14.62 -15.99
N PRO A 154 -9.67 14.54 -17.32
CA PRO A 154 -10.81 14.98 -18.12
C PRO A 154 -12.19 14.48 -17.66
N PRO A 155 -12.35 13.20 -17.30
CA PRO A 155 -13.66 12.69 -16.89
C PRO A 155 -14.32 13.48 -15.75
N PHE A 156 -13.55 14.25 -15.01
CA PHE A 156 -14.09 15.02 -13.91
C PHE A 156 -15.16 16.00 -14.39
N ASN A 157 -14.92 16.61 -15.55
CA ASN A 157 -15.88 17.56 -16.11
C ASN A 157 -16.26 18.64 -15.08
N ALA A 158 -15.26 19.19 -14.40
CA ALA A 158 -15.50 20.22 -13.40
C ALA A 158 -15.96 21.51 -14.06
N THR A 159 -16.91 22.21 -13.42
CA THR A 159 -17.28 23.57 -13.83
C THR A 159 -17.12 24.53 -12.66
N GLN A 160 -16.43 24.06 -11.62
CA GLN A 160 -16.19 24.81 -10.40
C GLN A 160 -14.92 24.28 -9.76
N PRO A 161 -14.34 25.04 -8.81
CA PRO A 161 -13.15 24.57 -8.10
C PRO A 161 -13.45 23.29 -7.34
N VAL A 162 -12.47 22.39 -7.34
CA VAL A 162 -12.66 21.07 -6.78
C VAL A 162 -11.96 20.96 -5.42
N PRO A 163 -12.72 20.63 -4.36
CA PRO A 163 -12.10 20.46 -3.06
C PRO A 163 -11.02 19.38 -3.14
N ALA A 164 -9.89 19.59 -2.49
CA ALA A 164 -8.72 18.72 -2.63
C ALA A 164 -7.91 18.63 -1.36
N THR A 165 -7.09 17.59 -1.26
CA THR A 165 -6.17 17.43 -0.15
C THR A 165 -4.83 17.05 -0.77
N VAL A 166 -3.75 17.68 -0.33
CA VAL A 166 -2.41 17.25 -0.74
C VAL A 166 -1.59 16.92 0.49
N TRP A 167 -0.67 15.99 0.33
CA TRP A 167 0.30 15.64 1.37
C TRP A 167 1.69 15.94 0.81
N ILE A 168 2.41 16.86 1.45
CA ILE A 168 3.76 17.25 1.01
C ILE A 168 4.80 16.88 2.07
N GLN A 169 5.94 16.34 1.65
CA GLN A 169 6.99 15.95 2.60
C GLN A 169 7.30 17.14 3.47
N GLU A 170 7.27 16.95 4.79
CA GLU A 170 7.58 18.04 5.71
C GLU A 170 9.03 18.50 5.62
N THR A 171 9.94 17.56 5.41
CA THR A 171 11.35 17.88 5.32
C THR A 171 11.92 17.45 3.97
N GLY A 172 13.21 17.72 3.77
CA GLY A 172 13.91 17.18 2.62
C GLY A 172 13.55 17.92 1.35
N ASP A 173 13.12 17.18 0.34
CA ASP A 173 12.78 17.76 -0.96
C ASP A 173 11.38 18.38 -1.03
N HIS A 174 10.54 18.15 -0.03
CA HIS A 174 9.16 18.63 -0.10
C HIS A 174 8.45 18.17 -1.37
N GLN A 175 8.61 16.89 -1.72
CA GLN A 175 7.87 16.32 -2.84
C GLN A 175 6.39 16.22 -2.49
N LEU A 176 5.55 16.19 -3.54
CA LEU A 176 4.14 15.88 -3.39
C LEU A 176 4.06 14.37 -3.17
N ALA A 177 3.64 13.96 -1.98
CA ALA A 177 3.55 12.54 -1.62
C ALA A 177 2.22 11.93 -2.04
N GLN A 178 1.15 12.69 -1.89
CA GLN A 178 -0.19 12.19 -2.16
C GLN A 178 -1.12 13.35 -2.48
N ALA A 179 -2.08 13.10 -3.36
CA ALA A 179 -3.08 14.10 -3.69
C ALA A 179 -4.44 13.48 -3.90
N GLN A 180 -5.49 14.18 -3.48
CA GLN A 180 -6.81 13.68 -3.79
C GLN A 180 -7.80 14.75 -4.18
N LEU A 181 -8.62 14.43 -5.18
CA LEU A 181 -9.63 15.34 -5.70
C LEU A 181 -11.01 14.76 -5.42
N ASP A 182 -11.83 15.54 -4.72
CA ASP A 182 -13.11 15.08 -4.22
C ASP A 182 -14.22 15.59 -5.11
N ARG A 183 -14.95 14.68 -5.74
CA ARG A 183 -16.05 15.06 -6.62
C ARG A 183 -17.40 15.09 -5.90
N GLY A 184 -17.37 15.01 -4.58
CA GLY A 184 -18.59 15.03 -3.78
C GLY A 184 -19.27 13.68 -3.74
N SER A 185 -20.07 13.45 -2.69
CA SER A 185 -20.91 12.26 -2.61
C SER A 185 -20.12 10.96 -2.44
N GLY A 186 -18.98 11.04 -1.77
CA GLY A 186 -18.13 9.86 -1.56
C GLY A 186 -17.32 9.41 -2.78
N ASN A 187 -17.34 10.22 -3.83
CA ASN A 187 -16.60 9.92 -5.05
C ASN A 187 -15.32 10.75 -5.09
N SER A 188 -14.19 10.10 -5.35
CA SER A 188 -12.93 10.84 -5.42
C SER A 188 -11.84 10.05 -6.14
N VAL A 189 -10.74 10.75 -6.45
CA VAL A 189 -9.58 10.12 -7.06
C VAL A 189 -8.35 10.53 -6.29
N GLN A 190 -7.51 9.56 -5.96
CA GLN A 190 -6.35 9.83 -5.13
C GLN A 190 -5.15 9.20 -5.80
N MET A 191 -4.04 9.93 -5.83
CA MET A 191 -2.77 9.38 -6.30
C MET A 191 -1.70 9.54 -5.25
N THR A 192 -0.92 8.48 -5.05
CA THR A 192 0.23 8.49 -4.15
C THR A 192 1.49 8.34 -4.99
N LEU A 193 2.43 9.27 -4.82
CA LEU A 193 3.70 9.22 -5.56
C LEU A 193 4.86 8.85 -4.64
N SER A 194 5.85 8.16 -5.19
CA SER A 194 7.03 7.72 -4.46
C SER A 194 8.16 7.38 -5.44
N LYS A 195 9.34 7.07 -4.91
CA LYS A 195 10.48 6.59 -5.70
C LYS A 195 10.85 7.60 -6.79
N TRP A 196 10.75 8.88 -6.46
CA TRP A 196 11.06 9.94 -7.42
C TRP A 196 12.44 9.74 -8.02
N GLY A 197 12.51 9.75 -9.35
CA GLY A 197 13.78 9.65 -10.05
C GLY A 197 14.24 8.24 -10.31
N GLU A 198 13.42 7.26 -9.93
CA GLU A 198 13.72 5.86 -10.22
C GLU A 198 13.95 5.64 -11.71
N LYS A 199 14.79 4.66 -12.03
CA LYS A 199 14.93 4.23 -13.40
C LYS A 199 13.71 3.39 -13.75
N VAL A 200 13.17 3.60 -14.94
CA VAL A 200 12.04 2.81 -15.41
C VAL A 200 12.44 2.11 -16.71
N GLN A 201 12.57 0.79 -16.66
CA GLN A 201 13.07 0.02 -17.80
C GLN A 201 12.00 -0.31 -18.84
N VAL A 202 10.96 -1.04 -18.45
CA VAL A 202 9.79 -1.30 -19.31
C VAL A 202 10.01 -2.47 -20.27
N HIS B 6 -15.21 -28.58 0.82
CA HIS B 6 -15.13 -29.70 -0.14
C HIS B 6 -13.71 -30.28 -0.21
N HIS B 7 -13.55 -31.36 -1.00
CA HIS B 7 -12.32 -32.14 -0.95
C HIS B 7 -11.70 -32.46 -2.30
N GLY B 8 -11.90 -31.59 -3.28
CA GLY B 8 -11.43 -31.90 -4.62
C GLY B 8 -9.93 -31.77 -4.76
N PRO B 9 -9.44 -31.79 -6.01
CA PRO B 9 -8.03 -31.57 -6.32
C PRO B 9 -7.60 -30.23 -5.72
N LEU B 10 -6.31 -30.10 -5.45
CA LEU B 10 -5.73 -28.82 -4.98
C LEU B 10 -5.21 -28.05 -6.17
N PRO B 11 -5.29 -26.71 -6.12
CA PRO B 11 -4.68 -25.93 -7.20
C PRO B 11 -3.17 -26.01 -7.08
N ASP B 12 -2.46 -25.59 -8.11
CA ASP B 12 -1.01 -25.46 -8.09
C ASP B 12 -0.69 -24.30 -7.17
N ALA B 13 0.26 -24.51 -6.25
CA ALA B 13 0.62 -23.47 -5.28
C ALA B 13 1.30 -22.25 -5.89
N LYS B 14 2.16 -22.46 -6.88
CA LYS B 14 2.94 -21.36 -7.46
C LYS B 14 2.10 -20.20 -7.97
N PRO B 15 1.12 -20.47 -8.85
CA PRO B 15 0.32 -19.36 -9.39
C PRO B 15 -0.50 -18.67 -8.31
N LEU B 16 -0.91 -19.45 -7.31
CA LEU B 16 -1.69 -18.95 -6.21
C LEU B 16 -0.82 -18.04 -5.34
N VAL B 17 0.38 -18.49 -5.03
CA VAL B 17 1.33 -17.62 -4.32
C VAL B 17 1.62 -16.33 -5.11
N GLU B 18 1.66 -16.41 -6.44
CA GLU B 18 1.86 -15.20 -7.25
C GLU B 18 0.69 -14.25 -7.13
N GLU B 19 -0.53 -14.78 -7.21
CA GLU B 19 -1.70 -13.92 -7.16
C GLU B 19 -1.84 -13.28 -5.80
N ALA B 20 -1.53 -14.04 -4.74
CA ALA B 20 -1.57 -13.48 -3.39
C ALA B 20 -0.55 -12.35 -3.24
N THR B 21 0.65 -12.53 -3.80
CA THR B 21 1.67 -11.49 -3.70
C THR B 21 1.16 -10.19 -4.30
N ALA B 22 0.69 -10.25 -5.54
CA ALA B 22 0.15 -9.06 -6.21
C ALA B 22 -1.01 -8.47 -5.44
N GLN B 23 -1.90 -9.33 -4.93
CA GLN B 23 -3.01 -8.85 -4.13
C GLN B 23 -2.55 -8.15 -2.85
N THR B 24 -1.53 -8.72 -2.19
CA THR B 24 -1.02 -8.17 -0.94
C THR B 24 -0.29 -6.84 -1.17
N LYS B 25 0.29 -6.67 -2.35
CA LYS B 25 0.91 -5.39 -2.72
C LYS B 25 -0.13 -4.30 -2.84
N ALA B 26 -1.32 -4.68 -3.28
CA ALA B 26 -2.37 -3.68 -3.52
C ALA B 26 -3.11 -3.28 -2.26
N LEU B 27 -2.84 -3.98 -1.15
CA LEU B 27 -3.57 -3.74 0.10
C LEU B 27 -3.36 -2.33 0.64
N LYS B 28 -4.44 -1.72 1.10
CA LYS B 28 -4.32 -0.47 1.82
C LYS B 28 -4.54 -0.71 3.31
N SER B 29 -5.43 -1.64 3.66
CA SER B 29 -5.75 -1.87 5.07
C SER B 29 -6.16 -3.31 5.36
N ALA B 30 -6.09 -3.70 6.63
CA ALA B 30 -6.45 -5.05 7.07
C ALA B 30 -6.41 -5.14 8.58
N HIS B 31 -7.15 -6.12 9.11
CA HIS B 31 -7.05 -6.48 10.50
C HIS B 31 -6.04 -7.62 10.63
N MET B 32 -5.28 -7.62 11.70
CA MET B 32 -4.27 -8.66 11.90
C MET B 32 -4.30 -9.20 13.32
N VAL B 33 -4.20 -10.52 13.45
CA VAL B 33 -3.98 -11.16 14.74
C VAL B 33 -2.65 -11.89 14.71
N LEU B 34 -1.79 -11.55 15.64
CA LEU B 34 -0.46 -12.10 15.70
C LEU B 34 -0.33 -12.96 16.96
N THR B 35 0.15 -14.18 16.78
CA THR B 35 0.28 -15.09 17.91
C THR B 35 1.66 -15.73 17.94
N VAL B 36 2.27 -15.82 19.12
CA VAL B 36 3.51 -16.56 19.26
C VAL B 36 3.21 -17.87 19.94
N ASN B 37 3.84 -18.93 19.44
CA ASN B 37 3.70 -20.25 20.01
C ASN B 37 5.04 -20.68 20.55
N GLY B 38 5.02 -21.49 21.61
CA GLY B 38 6.25 -21.81 22.31
C GLY B 38 6.84 -20.51 22.82
N LYS B 39 8.11 -20.26 22.49
CA LYS B 39 8.77 -19.03 22.89
C LYS B 39 9.90 -18.68 21.91
N ILE B 40 9.92 -17.44 21.43
CA ILE B 40 10.95 -17.00 20.48
C ILE B 40 12.07 -16.29 21.24
N PRO B 41 13.30 -16.28 20.69
CA PRO B 41 14.46 -15.79 21.45
C PRO B 41 14.46 -14.29 21.57
N GLY B 42 13.30 -13.65 21.42
CA GLY B 42 13.22 -12.21 21.47
C GLY B 42 11.86 -11.71 21.87
N LEU B 43 10.96 -11.59 20.90
CA LEU B 43 9.63 -11.02 21.12
C LEU B 43 8.94 -11.57 22.36
N SER B 44 8.72 -10.68 23.32
CA SER B 44 8.15 -11.02 24.61
C SER B 44 6.63 -11.04 24.56
N LEU B 45 6.06 -10.73 23.41
CA LEU B 45 4.61 -10.72 23.28
C LEU B 45 4.06 -12.12 23.07
N LYS B 46 2.84 -12.35 23.53
CA LYS B 46 2.17 -13.62 23.31
C LYS B 46 1.15 -13.48 22.18
N THR B 47 0.40 -12.39 22.20
CA THR B 47 -0.56 -12.10 21.14
C THR B 47 -0.72 -10.60 20.91
N LEU B 48 -1.13 -10.26 19.69
CA LEU B 48 -1.43 -8.88 19.32
C LEU B 48 -2.56 -8.89 18.31
N SER B 49 -3.50 -7.96 18.44
CA SER B 49 -4.55 -7.78 17.46
C SER B 49 -4.55 -6.33 17.07
N GLY B 50 -4.73 -6.04 15.79
CA GLY B 50 -4.72 -4.64 15.40
C GLY B 50 -5.36 -4.38 14.07
N ASP B 51 -5.66 -3.11 13.83
CA ASP B 51 -6.17 -2.64 12.56
C ASP B 51 -5.14 -1.73 11.94
N LEU B 52 -4.82 -2.02 10.68
CA LEU B 52 -3.71 -1.37 9.98
C LEU B 52 -4.23 -0.66 8.75
N THR B 53 -3.74 0.54 8.50
CA THR B 53 -4.08 1.21 7.24
C THR B 53 -2.81 1.89 6.75
N THR B 54 -2.79 2.27 5.47
CA THR B 54 -1.59 2.87 4.91
C THR B 54 -1.90 4.10 4.06
N ASN B 55 -1.03 5.11 4.16
CA ASN B 55 -1.13 6.28 3.30
C ASN B 55 -2.50 6.94 3.30
N PRO B 56 -2.90 7.55 4.43
CA PRO B 56 -2.09 7.74 5.64
C PRO B 56 -1.91 6.49 6.48
N THR B 57 -0.69 6.30 6.99
CA THR B 57 -0.34 5.07 7.67
C THR B 57 -0.61 5.12 9.18
N ALA B 58 -1.30 4.11 9.69
CA ALA B 58 -1.67 4.08 11.09
C ALA B 58 -1.97 2.66 11.53
N ALA B 59 -1.95 2.46 12.84
CA ALA B 59 -2.24 1.16 13.42
C ALA B 59 -2.80 1.40 14.81
N THR B 60 -3.78 0.59 15.20
CA THR B 60 -4.33 0.65 16.54
C THR B 60 -4.68 -0.79 16.91
N GLY B 61 -4.61 -1.11 18.20
CA GLY B 61 -5.00 -2.44 18.63
C GLY B 61 -4.62 -2.69 20.06
N ASN B 62 -4.44 -3.96 20.42
CA ASN B 62 -3.99 -4.30 21.75
C ASN B 62 -3.02 -5.44 21.73
N VAL B 63 -2.20 -5.49 22.77
CA VAL B 63 -1.11 -6.42 22.81
C VAL B 63 -1.00 -7.00 24.21
N LYS B 64 -0.65 -8.28 24.26
CA LYS B 64 -0.42 -8.97 25.51
C LYS B 64 1.06 -9.30 25.58
N LEU B 65 1.75 -8.64 26.51
CA LEU B 65 3.20 -8.71 26.62
C LEU B 65 3.60 -9.53 27.82
N THR B 66 4.83 -10.02 27.80
CA THR B 66 5.40 -10.67 28.98
C THR B 66 6.65 -9.91 29.37
N LEU B 67 6.59 -9.23 30.52
CA LEU B 67 7.78 -8.60 31.06
C LEU B 67 8.32 -9.42 32.21
N GLY B 68 9.30 -10.26 31.90
CA GLY B 68 9.80 -11.22 32.86
C GLY B 68 8.78 -12.31 33.08
N GLY B 69 8.10 -12.26 34.22
CA GLY B 69 7.06 -13.23 34.52
C GLY B 69 5.66 -12.64 34.41
N SER B 70 5.57 -11.34 34.62
CA SER B 70 4.29 -10.64 34.53
C SER B 70 3.72 -10.71 33.11
N ASP B 71 2.42 -10.89 33.01
CA ASP B 71 1.73 -10.73 31.73
C ASP B 71 1.07 -9.35 31.74
N ILE B 72 1.12 -8.67 30.60
CA ILE B 72 0.73 -7.26 30.55
C ILE B 72 -0.14 -6.93 29.34
N ASP B 73 -1.39 -6.54 29.60
CA ASP B 73 -2.31 -6.15 28.53
C ASP B 73 -2.24 -4.65 28.29
N ALA B 74 -2.00 -4.26 27.05
CA ALA B 74 -1.83 -2.86 26.71
C ALA B 74 -2.54 -2.53 25.41
N ASP B 75 -3.11 -1.33 25.33
CA ASP B 75 -3.60 -0.84 24.05
C ASP B 75 -2.44 -0.12 23.39
N PHE B 76 -2.47 -0.01 22.06
CA PHE B 76 -1.39 0.67 21.36
C PHE B 76 -1.90 1.42 20.17
N VAL B 77 -1.14 2.42 19.76
CA VAL B 77 -1.47 3.17 18.56
C VAL B 77 -0.15 3.58 17.93
N VAL B 78 -0.09 3.49 16.61
CA VAL B 78 1.01 4.07 15.86
C VAL B 78 0.42 5.16 14.99
N PHE B 79 0.93 6.37 15.16
CA PHE B 79 0.46 7.49 14.37
C PHE B 79 1.66 8.35 14.05
N ASP B 80 1.83 8.65 12.76
CA ASP B 80 2.89 9.54 12.33
C ASP B 80 4.23 8.96 12.75
N GLY B 81 4.37 7.63 12.64
CA GLY B 81 5.63 6.98 12.91
C GLY B 81 5.94 6.71 14.38
N ILE B 82 5.12 7.23 15.29
CA ILE B 82 5.38 7.09 16.73
C ILE B 82 4.49 6.07 17.44
N LEU B 83 5.12 5.22 18.25
CA LEU B 83 4.39 4.21 19.01
C LEU B 83 3.95 4.75 20.37
N TYR B 84 2.66 4.66 20.66
CA TYR B 84 2.15 4.98 22.00
C TYR B 84 1.46 3.74 22.55
N ALA B 85 1.47 3.56 23.87
CA ALA B 85 0.83 2.39 24.47
C ALA B 85 0.41 2.64 25.92
N THR B 86 -0.66 1.98 26.35
CA THR B 86 -1.14 2.14 27.72
C THR B 86 -0.58 1.05 28.62
N LEU B 87 0.59 1.33 29.18
CA LEU B 87 1.26 0.47 30.14
C LEU B 87 0.45 0.35 31.43
N THR B 88 -0.21 1.43 31.81
CA THR B 88 -1.26 1.38 32.82
C THR B 88 -2.56 1.84 32.16
N PRO B 89 -3.70 1.30 32.62
CA PRO B 89 -5.01 1.57 32.02
C PRO B 89 -5.27 3.05 31.74
N ASN B 90 -5.72 3.34 30.52
CA ASN B 90 -6.04 4.70 30.07
C ASN B 90 -4.91 5.72 30.23
N GLN B 91 -3.69 5.23 30.36
CA GLN B 91 -2.53 6.11 30.51
C GLN B 91 -1.62 5.89 29.29
N TRP B 92 -1.64 6.83 28.35
CA TRP B 92 -0.80 6.69 27.15
C TRP B 92 0.65 7.11 27.38
N SER B 93 1.58 6.18 27.14
CA SER B 93 3.00 6.50 27.13
C SER B 93 3.52 6.57 25.70
N ASP B 94 4.45 7.49 25.45
CA ASP B 94 5.07 7.70 24.14
C ASP B 94 6.42 6.98 24.08
N PHE B 95 6.51 5.91 23.28
CA PHE B 95 7.73 5.10 23.20
C PHE B 95 8.62 5.42 22.00
N GLY B 96 8.40 6.59 21.41
CA GLY B 96 9.19 7.03 20.27
C GLY B 96 8.91 6.21 19.01
N PRO B 97 9.78 6.35 17.99
CA PRO B 97 9.66 5.70 16.69
C PRO B 97 9.24 4.23 16.79
N ALA B 98 8.15 3.88 16.12
CA ALA B 98 7.57 2.54 16.20
C ALA B 98 8.55 1.45 15.76
N ALA B 99 9.43 1.80 14.83
CA ALA B 99 10.39 0.85 14.28
C ALA B 99 11.34 0.31 15.36
N ASP B 100 11.63 1.12 16.37
CA ASP B 100 12.63 0.76 17.37
C ASP B 100 12.04 -0.10 18.49
N ILE B 101 10.86 -0.65 18.23
CA ILE B 101 10.26 -1.67 19.08
C ILE B 101 9.59 -2.69 18.17
N TYR B 102 8.51 -2.27 17.54
CA TYR B 102 7.80 -3.05 16.54
C TYR B 102 6.69 -2.19 15.96
N ASP B 103 6.65 -2.11 14.63
CA ASP B 103 5.65 -1.30 13.94
C ASP B 103 4.68 -2.18 13.17
N PRO B 104 3.55 -2.54 13.79
CA PRO B 104 2.61 -3.50 13.20
C PRO B 104 2.23 -3.10 11.78
N ALA B 105 2.25 -1.80 11.50
CA ALA B 105 1.84 -1.30 10.19
C ALA B 105 2.77 -1.76 9.08
N GLN B 106 4.02 -2.06 9.43
CA GLN B 106 5.03 -2.46 8.43
C GLN B 106 4.69 -3.73 7.62
N VAL B 107 3.80 -4.58 8.14
CA VAL B 107 3.44 -5.79 7.43
C VAL B 107 2.74 -5.50 6.11
N LEU B 108 2.19 -4.28 5.96
CA LEU B 108 1.59 -3.88 4.69
C LEU B 108 2.53 -3.07 3.78
N ASN B 109 3.80 -2.99 4.12
CA ASN B 109 4.77 -2.37 3.23
C ASN B 109 5.12 -3.34 2.10
N PRO B 110 4.95 -2.91 0.83
CA PRO B 110 5.00 -3.78 -0.36
C PRO B 110 6.38 -4.30 -0.69
N ASP B 111 7.42 -3.59 -0.27
CA ASP B 111 8.78 -4.00 -0.60
C ASP B 111 9.39 -4.76 0.57
N THR B 112 8.80 -4.63 1.76
CA THR B 112 9.43 -5.15 2.97
C THR B 112 8.53 -6.04 3.85
N GLY B 113 7.22 -6.02 3.60
CA GLY B 113 6.29 -6.70 4.48
C GLY B 113 5.81 -8.04 3.94
N LEU B 114 4.55 -8.38 4.20
CA LEU B 114 3.97 -9.66 3.77
C LEU B 114 4.11 -9.94 2.28
N ALA B 115 4.03 -8.88 1.47
CA ALA B 115 4.17 -9.05 0.03
C ALA B 115 5.56 -9.56 -0.29
N ASN B 116 6.55 -9.10 0.48
CA ASN B 116 7.93 -9.50 0.25
C ASN B 116 8.18 -10.92 0.73
N VAL B 117 7.61 -11.27 1.87
CA VAL B 117 7.67 -12.62 2.38
C VAL B 117 7.21 -13.58 1.30
N LEU B 118 6.04 -13.30 0.74
CA LEU B 118 5.45 -14.13 -0.32
C LEU B 118 6.33 -14.21 -1.56
N ALA B 119 6.98 -13.10 -1.91
CA ALA B 119 7.85 -13.08 -3.08
C ALA B 119 9.09 -13.96 -2.87
N ASN B 120 9.41 -14.22 -1.61
CA ASN B 120 10.59 -15.00 -1.25
C ASN B 120 10.22 -16.31 -0.55
N PHE B 121 9.07 -16.83 -0.96
CA PHE B 121 8.54 -18.09 -0.45
C PHE B 121 8.87 -19.16 -1.48
N ALA B 122 9.86 -20.00 -1.16
CA ALA B 122 10.36 -20.98 -2.11
C ALA B 122 9.75 -22.36 -1.88
N ASP B 123 9.81 -23.19 -2.91
CA ASP B 123 9.34 -24.56 -2.79
C ASP B 123 7.86 -24.66 -2.47
N ALA B 124 7.06 -23.70 -2.97
CA ALA B 124 5.62 -23.71 -2.69
C ALA B 124 4.94 -25.00 -3.11
N LYS B 125 4.26 -25.64 -2.15
CA LYS B 125 3.54 -26.88 -2.42
C LYS B 125 2.22 -26.87 -1.67
N ALA B 126 1.11 -27.02 -2.40
CA ALA B 126 -0.20 -27.08 -1.77
C ALA B 126 -0.31 -28.39 -0.98
N GLU B 127 -0.60 -28.28 0.31
CA GLU B 127 -0.59 -29.43 1.18
C GLU B 127 -2.00 -29.87 1.52
N GLY B 128 -2.91 -28.91 1.58
CA GLY B 128 -4.27 -29.22 1.97
C GLY B 128 -5.18 -28.02 1.96
N ARG B 129 -6.35 -28.21 2.56
CA ARG B 129 -7.38 -27.18 2.65
C ARG B 129 -7.71 -26.89 4.11
N ASP B 130 -7.81 -25.62 4.44
CA ASP B 130 -8.19 -25.23 5.79
C ASP B 130 -9.20 -24.11 5.73
N THR B 131 -10.10 -24.11 6.70
CA THR B 131 -11.01 -22.99 6.88
C THR B 131 -10.33 -22.02 7.83
N ILE B 132 -10.11 -20.79 7.38
CA ILE B 132 -9.64 -19.74 8.26
C ILE B 132 -10.75 -18.71 8.32
N ASN B 133 -11.20 -18.40 9.53
CA ASN B 133 -12.31 -17.48 9.71
C ASN B 133 -13.47 -17.73 8.73
N GLY B 134 -13.77 -19.01 8.47
CA GLY B 134 -14.95 -19.36 7.69
C GLY B 134 -14.83 -19.43 6.17
N GLN B 135 -13.68 -19.05 5.64
CA GLN B 135 -13.45 -19.08 4.19
C GLN B 135 -12.52 -20.23 3.83
N ASN B 136 -12.73 -20.78 2.63
CA ASN B 136 -11.85 -21.83 2.08
C ASN B 136 -10.47 -21.28 1.71
N THR B 137 -9.43 -21.87 2.30
CA THR B 137 -8.06 -21.50 1.98
C THR B 137 -7.24 -22.71 1.60
N ILE B 138 -6.17 -22.48 0.87
CA ILE B 138 -5.26 -23.55 0.51
C ILE B 138 -4.04 -23.43 1.41
N ARG B 139 -3.73 -24.51 2.14
CA ARG B 139 -2.56 -24.55 3.02
C ARG B 139 -1.31 -24.92 2.22
N ILE B 140 -0.29 -24.09 2.30
CA ILE B 140 0.86 -24.22 1.41
C ILE B 140 2.19 -24.22 2.15
N SER B 141 3.04 -25.20 1.87
CA SER B 141 4.34 -25.30 2.52
C SER B 141 5.43 -24.66 1.66
N GLY B 142 6.48 -24.16 2.30
CA GLY B 142 7.62 -23.63 1.57
C GLY B 142 8.68 -23.09 2.52
N LYS B 143 9.62 -22.33 1.98
CA LYS B 143 10.71 -21.79 2.77
C LYS B 143 10.92 -20.32 2.43
N VAL B 144 10.96 -19.48 3.46
CA VAL B 144 11.18 -18.05 3.26
C VAL B 144 12.64 -17.72 3.52
N SER B 145 13.20 -16.85 2.69
CA SER B 145 14.60 -16.48 2.83
C SER B 145 14.86 -15.89 4.22
N ALA B 146 16.11 -15.97 4.67
CA ALA B 146 16.48 -15.42 5.97
C ALA B 146 16.18 -13.93 6.05
N GLN B 147 16.60 -13.18 5.04
CA GLN B 147 16.35 -11.75 4.97
C GLN B 147 14.87 -11.39 5.11
N ALA B 148 14.04 -11.92 4.21
CA ALA B 148 12.62 -11.57 4.19
C ALA B 148 12.01 -11.81 5.55
N VAL B 149 12.45 -12.88 6.19
CA VAL B 149 11.98 -13.24 7.52
C VAL B 149 12.35 -12.16 8.52
N ASN B 150 13.60 -11.71 8.45
CA ASN B 150 14.08 -10.69 9.37
C ASN B 150 13.22 -9.43 9.36
N GLN B 151 12.82 -9.00 8.17
CA GLN B 151 12.09 -7.74 8.02
C GLN B 151 10.68 -7.77 8.60
N ILE B 152 9.99 -8.88 8.42
CA ILE B 152 8.64 -8.98 8.96
C ILE B 152 8.70 -9.31 10.45
N ALA B 153 9.82 -9.91 10.85
CA ALA B 153 10.05 -10.26 12.24
C ALA B 153 11.52 -10.08 12.57
N PRO B 154 11.88 -8.86 13.01
CA PRO B 154 13.27 -8.52 13.37
C PRO B 154 13.83 -9.31 14.56
N PRO B 155 12.98 -9.66 15.54
CA PRO B 155 13.43 -10.56 16.60
C PRO B 155 13.69 -11.96 16.08
N PHE B 156 13.98 -12.07 14.78
CA PHE B 156 14.29 -13.36 14.22
C PHE B 156 15.78 -13.57 14.00
N ASN B 157 16.21 -14.81 14.21
CA ASN B 157 17.57 -15.23 13.97
C ASN B 157 17.87 -15.26 12.48
N ALA B 158 17.01 -15.98 11.77
CA ALA B 158 17.23 -16.38 10.40
C ALA B 158 18.64 -16.15 9.85
N THR B 159 19.40 -17.23 9.74
CA THR B 159 20.63 -17.22 8.95
C THR B 159 20.47 -18.14 7.73
N GLN B 160 19.50 -19.05 7.81
CA GLN B 160 19.15 -19.96 6.72
C GLN B 160 17.67 -19.82 6.34
N PRO B 161 17.31 -20.30 5.13
CA PRO B 161 15.88 -20.29 4.77
C PRO B 161 15.02 -20.87 5.88
N VAL B 162 13.91 -20.20 6.16
CA VAL B 162 13.02 -20.55 7.25
C VAL B 162 11.80 -21.31 6.73
N PRO B 163 11.56 -22.51 7.27
CA PRO B 163 10.34 -23.28 6.97
C PRO B 163 9.10 -22.50 7.38
N ALA B 164 8.13 -22.44 6.48
CA ALA B 164 6.93 -21.66 6.70
C ALA B 164 5.69 -22.32 6.12
N THR B 165 4.53 -21.81 6.49
CA THR B 165 3.26 -22.22 5.90
C THR B 165 2.45 -20.96 5.65
N VAL B 166 1.81 -20.88 4.48
CA VAL B 166 0.86 -19.82 4.21
C VAL B 166 -0.48 -20.41 3.82
N TRP B 167 -1.55 -19.70 4.17
CA TRP B 167 -2.88 -20.09 3.76
C TRP B 167 -3.43 -18.97 2.89
N ILE B 168 -3.87 -19.32 1.68
CA ILE B 168 -4.33 -18.33 0.71
C ILE B 168 -5.76 -18.64 0.31
N GLN B 169 -6.61 -17.62 0.21
CA GLN B 169 -8.00 -17.85 -0.17
C GLN B 169 -8.05 -18.61 -1.49
N GLU B 170 -8.85 -19.66 -1.55
CA GLU B 170 -8.91 -20.48 -2.75
C GLU B 170 -9.58 -19.76 -3.92
N THR B 171 -10.56 -18.91 -3.61
CA THR B 171 -11.32 -18.21 -4.64
C THR B 171 -11.29 -16.70 -4.39
N GLY B 172 -12.06 -15.95 -5.18
CA GLY B 172 -12.22 -14.52 -4.95
C GLY B 172 -10.94 -13.76 -5.23
N ASP B 173 -10.49 -12.95 -4.27
CA ASP B 173 -9.30 -12.12 -4.44
C ASP B 173 -7.97 -12.87 -4.21
N HIS B 174 -8.04 -14.06 -3.62
CA HIS B 174 -6.85 -14.83 -3.26
C HIS B 174 -5.95 -14.08 -2.28
N GLN B 175 -6.54 -13.49 -1.25
CA GLN B 175 -5.76 -12.77 -0.23
C GLN B 175 -5.01 -13.78 0.62
N LEU B 176 -3.94 -13.32 1.25
CA LEU B 176 -3.21 -14.13 2.21
C LEU B 176 -3.99 -14.10 3.52
N ALA B 177 -4.57 -15.24 3.88
CA ALA B 177 -5.35 -15.36 5.09
C ALA B 177 -4.47 -15.59 6.32
N GLN B 178 -3.36 -16.30 6.16
CA GLN B 178 -2.53 -16.60 7.32
C GLN B 178 -1.12 -17.02 6.94
N ALA B 179 -0.18 -16.74 7.84
CA ALA B 179 1.20 -17.17 7.64
C ALA B 179 1.81 -17.63 8.94
N GLN B 180 2.70 -18.61 8.84
CA GLN B 180 3.39 -19.14 10.01
C GLN B 180 4.87 -19.30 9.70
N LEU B 181 5.71 -18.83 10.62
CA LEU B 181 7.15 -18.97 10.49
C LEU B 181 7.64 -19.84 11.63
N ASP B 182 8.32 -20.93 11.28
CA ASP B 182 8.90 -21.83 12.26
C ASP B 182 10.40 -21.58 12.35
N ARG B 183 10.94 -21.61 13.56
CA ARG B 183 12.38 -21.37 13.73
C ARG B 183 13.03 -22.33 14.72
N GLY B 184 12.45 -23.52 14.88
CA GLY B 184 12.88 -24.48 15.87
C GLY B 184 11.67 -25.18 16.45
N SER B 185 11.88 -26.31 17.12
CA SER B 185 10.77 -27.15 17.57
C SER B 185 9.77 -26.42 18.47
N GLY B 186 8.71 -25.90 17.85
CA GLY B 186 7.64 -25.24 18.59
C GLY B 186 7.87 -23.76 18.79
N ASN B 187 9.06 -23.29 18.40
CA ASN B 187 9.31 -21.86 18.31
C ASN B 187 8.78 -21.34 16.98
N SER B 188 7.74 -20.54 17.04
CA SER B 188 7.06 -20.10 15.82
C SER B 188 6.07 -18.97 16.08
N VAL B 189 5.82 -18.18 15.05
CA VAL B 189 4.85 -17.09 15.13
C VAL B 189 3.95 -17.09 13.91
N GLN B 190 2.64 -16.94 14.14
CA GLN B 190 1.71 -16.89 13.02
C GLN B 190 0.91 -15.59 12.99
N MET B 191 0.58 -15.17 11.78
CA MET B 191 -0.22 -13.98 11.59
C MET B 191 -1.46 -14.36 10.80
N THR B 192 -2.61 -13.90 11.28
CA THR B 192 -3.87 -14.13 10.59
C THR B 192 -4.46 -12.79 10.15
N LEU B 193 -4.80 -12.70 8.87
CA LEU B 193 -5.30 -11.46 8.25
C LEU B 193 -6.78 -11.56 7.95
N SER B 194 -7.46 -10.42 8.03
CA SER B 194 -8.89 -10.34 7.78
C SER B 194 -9.28 -8.92 7.42
N LYS B 195 -10.55 -8.74 7.03
CA LYS B 195 -11.13 -7.41 6.79
C LYS B 195 -10.29 -6.55 5.86
N TRP B 196 -9.78 -7.16 4.79
CA TRP B 196 -8.99 -6.46 3.79
C TRP B 196 -9.76 -5.27 3.22
N GLY B 197 -9.14 -4.09 3.24
CA GLY B 197 -9.79 -2.89 2.74
C GLY B 197 -10.77 -2.24 3.70
N GLU B 198 -10.87 -2.77 4.92
CA GLU B 198 -11.68 -2.12 5.95
C GLU B 198 -11.26 -0.68 6.14
N LYS B 199 -12.13 0.14 6.71
CA LYS B 199 -11.79 1.51 7.09
C LYS B 199 -11.18 1.52 8.48
N VAL B 200 -10.06 2.20 8.66
CA VAL B 200 -9.43 2.26 9.97
C VAL B 200 -9.44 3.69 10.52
O47 Z69 C . -9.54 6.04 -28.18
P46 Z69 C . -10.93 6.61 -28.05
O48 Z69 C . -11.80 6.64 -29.30
O49 Z69 C . -11.65 5.72 -26.89
C50 Z69 C . -11.28 5.85 -25.51
C51 Z69 C . -12.13 4.90 -24.66
O52 Z69 C . -11.44 4.49 -23.47
C53 Z69 C . -11.87 3.22 -22.94
O54 Z69 C . -13.28 3.09 -23.08
C55 Z69 C . -11.52 3.06 -21.47
C56 Z69 C . -10.03 2.87 -21.17
C57 Z69 C . -9.78 3.15 -19.68
C58 Z69 C . -8.30 3.34 -19.37
C59 Z69 C . -8.04 4.71 -18.76
C60 Z69 C . -6.91 4.64 -17.74
C61 Z69 C . -5.97 5.85 -17.82
C62 Z69 C . -5.07 5.88 -16.58
C63 Z69 C . -4.14 7.08 -16.56
C64 Z69 C . -3.42 7.16 -15.22
C65 Z69 C . -2.03 7.76 -15.35
C66 Z69 C . -1.03 6.74 -15.91
C67 Z69 C . 0.37 7.01 -15.39
C68 Z69 C . 0.65 6.23 -14.12
C69 Z69 C . -0.08 6.82 -12.93
C97 Z69 C . -12.41 3.71 -25.55
O70 Z69 C . -11.15 3.19 -25.98
C71 Z69 C . -11.38 1.89 -26.52
O72 Z69 C . -12.59 1.41 -25.95
C73 Z69 C . -10.21 0.98 -26.14
C74 Z69 C . -10.61 -0.49 -26.13
C75 Z69 C . -11.61 -0.80 -25.02
C76 Z69 C . -10.98 -0.99 -23.64
C77 Z69 C . -9.57 -0.40 -23.53
C78 Z69 C . -8.54 -1.49 -23.72
C79 Z69 C . -7.81 -1.76 -22.42
C80 Z69 C . -6.63 -0.80 -22.34
C81 Z69 C . -6.48 -0.31 -20.92
C82 Z69 C . -7.85 -0.05 -20.29
C83 Z69 C . -5.70 -1.35 -20.13
C84 Z69 C . -4.57 -0.62 -19.40
C85 Z69 C . -5.04 0.79 -19.09
C86 Z69 C . -4.06 1.54 -18.22
C87 Z69 C . -3.16 2.38 -19.10
C88 Z69 C . -2.52 3.52 -18.32
C89 Z69 C . -1.70 4.38 -19.26
C90 Z69 C . -0.44 4.78 -18.54
O45 Z69 C . -10.88 8.09 -27.38
C44 Z69 C . -11.92 9.10 -27.43
C24 Z69 C . -13.31 8.51 -27.14
C25 Z69 C . -14.32 9.64 -27.04
O26 Z69 C . -15.61 9.18 -26.57
C27 Z69 C . -14.51 10.24 -28.43
O28 Z69 C . -15.30 11.43 -28.33
C29 Z69 C . -13.21 10.56 -29.20
O30 Z69 C . -13.07 11.99 -29.29
C31 Z69 C . -11.87 9.93 -28.73
O32 Z69 C . -10.93 11.01 -28.60
C33 Z69 C . -9.71 10.83 -29.35
O34 Z69 C . -8.98 12.07 -29.40
C35 Z69 C . -8.92 12.72 -30.68
C36 Z69 C . -8.15 14.05 -30.58
O37 Z69 C . -8.49 14.90 -31.68
C38 Z69 C . -8.31 11.80 -31.74
O39 Z69 C . -8.62 12.31 -33.05
C40 Z69 C . -8.82 10.37 -31.64
O41 Z69 C . -9.17 9.88 -32.94
C42 Z69 C . -10.05 10.31 -30.74
O43 Z69 C . -11.09 11.09 -31.34
O23 Z69 C . -13.25 7.67 -25.98
C22 Z69 C . -13.81 8.18 -24.78
C91 Z69 C . -12.69 8.14 -23.75
O92 Z69 C . -11.50 8.70 -24.29
C93 Z69 C . -13.16 8.92 -22.53
O94 Z69 C . -13.08 10.32 -22.82
C95 Z69 C . -14.59 8.53 -22.17
O96 Z69 C . -14.62 8.28 -20.75
C20 Z69 C . -15.19 7.32 -22.95
O21 Z69 C . -14.89 7.34 -24.36
C19 Z69 C . -14.85 5.95 -22.35
O18 Z69 C . -15.04 5.98 -20.93
C16 Z69 C . -14.71 4.77 -20.25
O17 Z69 C . -14.72 3.65 -21.16
C15 Z69 C . -13.36 4.93 -19.54
C14 Z69 C . -12.53 6.07 -20.13
C13 Z69 C . -11.28 6.36 -19.31
C12 Z69 C . -10.50 7.54 -19.86
C11 Z69 C . -10.07 8.49 -18.74
C10 Z69 C . -8.56 8.48 -18.53
C09 Z69 C . -8.16 8.32 -17.06
C08 Z69 C . -8.13 9.63 -16.30
C07 Z69 C . -6.73 9.92 -15.73
C06 Z69 C . -6.73 10.16 -14.22
C05 Z69 C . -5.41 10.80 -13.77
C04 Z69 C . -5.36 11.06 -12.27
C03 Z69 C . -4.38 12.15 -11.92
C02 Z69 C . -4.12 12.25 -10.41
C01 Z69 C . -5.15 13.08 -9.66
#